data_5LXM
#
_entry.id   5LXM
#
_cell.length_a   79.780
_cell.length_b   79.780
_cell.length_c   140.260
_cell.angle_alpha   90.000
_cell.angle_beta   90.000
_cell.angle_gamma   120.000
#
_symmetry.space_group_name_H-M   'P 31 2 1'
#
loop_
_entity.id
_entity.type
_entity.pdbx_description
1 polymer 'Aurora kinase A'
2 polymer 'Targeting protein for Xklp2'
3 non-polymer "ADENOSINE-5'-DIPHOSPHATE"
4 non-polymer 'TETRAETHYLENE GLYCOL'
5 non-polymer 'SULFATE ION'
6 non-polymer DI(HYDROXYETHYL)ETHER
7 non-polymer '2-(N-MORPHOLINO)-ETHANESULFONIC ACID'
8 non-polymer 1-ETHOXY-2-(2-ETHOXYETHOXY)ETHANE
9 non-polymer 'CHLORIDE ION'
10 non-polymer 'MAGNESIUM ION'
11 water water
#
loop_
_entity_poly.entity_id
_entity_poly.type
_entity_poly.pdbx_seq_one_letter_code
_entity_poly.pdbx_strand_id
1 'polypeptide(L)'
;MESKKRQWALEDFEIGRPLGKGKFGNVYLAREKQSKFILALKVLFKAQLEKAGVEHQLRREVEIQSHLRHPNILRLYGYF
HDATRVYLILEYAPLGTVYRELQKLSKFDEQRTATYITELANALSYCHSKRVIHRDIKPENLLLGSAGELKIADFGWSVH
APSSRRT(TPO)LAGTLDYLPPEMIEGRMHDEKVDLWSLGVLCYEFLVGKPPFEANTYQETYKRISRVEFTFPDFVTEGA
RDLISRLLKHNPSQRPMLREVLEHPWITANSSKPSNAQNKESASKQS
;
A
2 'polypeptide(L)' SSYSYDAPSDFINFSSLDDEGDTQNIDSWFE(MK8)KAN(MK8)EN(NH2) D
#
loop_
_chem_comp.id
_chem_comp.type
_chem_comp.name
_chem_comp.formula
ADP non-polymer ADENOSINE-5'-DIPHOSPHATE 'C10 H15 N5 O10 P2'
CL non-polymer 'CHLORIDE ION' 'Cl -1'
MES non-polymer '2-(N-MORPHOLINO)-ETHANESULFONIC ACID' 'C6 H13 N O4 S'
MG non-polymer 'MAGNESIUM ION' 'Mg 2'
NH2 non-polymer 'AMINO GROUP' 'H2 N'
P4G non-polymer 1-ETHOXY-2-(2-ETHOXYETHOXY)ETHANE 'C8 H18 O3'
PEG non-polymer DI(HYDROXYETHYL)ETHER 'C4 H10 O3'
PG4 non-polymer 'TETRAETHYLENE GLYCOL' 'C8 H18 O5'
SO4 non-polymer 'SULFATE ION' 'O4 S -2'
#
# COMPACT_ATOMS: atom_id res chain seq x y z
N ARG A 6 19.50 24.75 0.60
CA ARG A 6 18.10 24.74 0.25
C ARG A 6 17.58 23.30 0.09
N GLN A 7 18.48 22.38 -0.20
CA GLN A 7 18.13 20.98 -0.44
C GLN A 7 18.23 20.16 0.83
N TRP A 8 17.53 19.01 0.85
CA TRP A 8 17.62 18.11 1.99
C TRP A 8 19.03 17.58 2.15
N ALA A 9 19.45 17.38 3.40
CA ALA A 9 20.73 16.76 3.71
C ALA A 9 20.56 15.78 4.86
N LEU A 10 21.45 14.79 4.93
CA LEU A 10 21.41 13.79 5.99
C LEU A 10 21.69 14.44 7.34
N GLU A 11 22.41 15.56 7.31
CA GLU A 11 22.75 16.30 8.52
C GLU A 11 21.53 16.99 9.14
N ASP A 12 20.44 17.06 8.38
CA ASP A 12 19.22 17.70 8.86
C ASP A 12 18.42 16.81 9.80
N PHE A 13 18.81 15.54 9.90
CA PHE A 13 18.03 14.57 10.66
C PHE A 13 18.84 13.83 11.72
N GLU A 14 18.28 13.71 12.92
CA GLU A 14 18.79 12.79 13.91
C GLU A 14 18.16 11.43 13.69
N ILE A 15 18.97 10.38 13.63
CA ILE A 15 18.46 9.04 13.37
C ILE A 15 18.20 8.28 14.66
N GLY A 16 16.99 7.74 14.79
CA GLY A 16 16.60 7.00 15.98
C GLY A 16 16.59 5.50 15.75
N ARG A 17 15.67 4.81 16.43
CA ARG A 17 15.55 3.37 16.32
C ARG A 17 15.00 2.96 14.96
N PRO A 18 15.36 1.76 14.49
CA PRO A 18 14.76 1.20 13.27
C PRO A 18 13.26 0.95 13.46
N LEU A 19 12.45 1.43 12.52
CA LEU A 19 11.01 1.22 12.58
C LEU A 19 10.64 -0.11 11.92
N GLY A 20 11.48 -0.56 11.00
CA GLY A 20 11.25 -1.81 10.31
C GLY A 20 12.31 -2.11 9.27
N LYS A 21 12.43 -3.38 8.91
CA LYS A 21 13.40 -3.80 7.89
C LYS A 21 12.73 -3.91 6.53
N GLY A 22 13.47 -3.56 5.48
CA GLY A 22 12.96 -3.62 4.14
C GLY A 22 13.80 -4.50 3.24
N LYS A 23 13.43 -4.57 1.97
CA LYS A 23 14.12 -5.44 1.02
C LYS A 23 15.45 -4.84 0.54
N PHE A 24 15.60 -3.53 0.68
CA PHE A 24 16.78 -2.85 0.19
C PHE A 24 17.36 -1.88 1.21
N GLY A 25 16.87 -1.96 2.45
CA GLY A 25 17.34 -1.09 3.51
C GLY A 25 16.32 -0.94 4.61
N ASN A 26 16.67 -0.19 5.65
CA ASN A 26 15.79 -0.04 6.80
C ASN A 26 15.07 1.30 6.84
N VAL A 27 13.95 1.33 7.55
CA VAL A 27 13.22 2.57 7.82
C VAL A 27 13.46 2.98 9.26
N TYR A 28 13.96 4.20 9.45
CA TYR A 28 14.34 4.66 10.77
C TYR A 28 13.41 5.76 11.29
N LEU A 29 13.30 5.85 12.61
CA LEU A 29 12.63 6.98 13.24
C LEU A 29 13.55 8.19 13.15
N ALA A 30 12.98 9.34 12.76
CA ALA A 30 13.81 10.50 12.44
C ALA A 30 13.32 11.78 13.11
N ARG A 31 14.25 12.70 13.34
CA ARG A 31 13.94 14.00 13.94
C ARG A 31 14.61 15.13 13.17
N GLU A 32 13.81 15.99 12.55
CA GLU A 32 14.34 17.17 11.89
C GLU A 32 14.94 18.10 12.93
N LYS A 33 16.26 18.29 12.86
CA LYS A 33 17.00 18.96 13.93
C LYS A 33 16.52 20.35 14.29
N GLN A 34 16.04 21.10 13.29
CA GLN A 34 15.63 22.48 13.54
C GLN A 34 14.23 22.58 14.18
N SER A 35 13.25 21.91 13.58
CA SER A 35 11.88 22.01 14.06
C SER A 35 11.51 20.90 15.06
N LYS A 36 12.43 19.98 15.28
CA LYS A 36 12.22 18.84 16.17
C LYS A 36 11.01 18.00 15.74
N PHE A 37 10.75 17.99 14.45
CA PHE A 37 9.59 17.30 13.89
C PHE A 37 9.89 15.82 13.66
N ILE A 38 9.04 14.95 14.20
CA ILE A 38 9.24 13.52 14.12
C ILE A 38 8.84 12.95 12.76
N LEU A 39 9.78 12.25 12.12
CA LEU A 39 9.54 11.68 10.81
C LEU A 39 10.01 10.22 10.73
N ALA A 40 9.74 9.59 9.59
CA ALA A 40 10.29 8.28 9.29
C ALA A 40 11.20 8.39 8.08
N LEU A 41 12.42 7.86 8.20
CA LEU A 41 13.40 7.96 7.12
C LEU A 41 13.66 6.59 6.50
N LYS A 42 13.22 6.43 5.26
CA LYS A 42 13.42 5.18 4.53
C LYS A 42 14.73 5.22 3.76
N VAL A 43 15.65 4.34 4.15
CA VAL A 43 16.99 4.31 3.56
C VAL A 43 17.13 3.13 2.60
N LEU A 44 17.52 3.43 1.36
CA LEU A 44 17.72 2.40 0.35
C LEU A 44 19.11 2.47 -0.25
N PHE A 45 19.83 1.35 -0.22
CA PHE A 45 21.17 1.29 -0.80
C PHE A 45 21.09 1.19 -2.32
N LYS A 46 21.81 2.07 -3.01
CA LYS A 46 21.78 2.12 -4.46
C LYS A 46 22.36 0.86 -5.09
N ALA A 47 23.31 0.24 -4.42
CA ALA A 47 23.94 -0.98 -4.92
C ALA A 47 22.93 -2.12 -5.04
N GLN A 48 22.10 -2.29 -4.02
CA GLN A 48 21.10 -3.35 -4.01
C GLN A 48 19.99 -3.09 -5.03
N LEU A 49 19.59 -1.83 -5.15
CA LEU A 49 18.54 -1.43 -6.08
C LEU A 49 18.96 -1.67 -7.54
N GLU A 50 20.17 -1.23 -7.87
CA GLU A 50 20.67 -1.34 -9.24
C GLU A 50 21.00 -2.80 -9.59
N LYS A 51 21.37 -3.59 -8.59
CA LYS A 51 21.66 -4.99 -8.80
C LYS A 51 20.38 -5.77 -9.14
N ALA A 52 19.31 -5.48 -8.40
CA ALA A 52 18.03 -6.13 -8.63
C ALA A 52 17.29 -5.49 -9.79
N GLY A 53 17.76 -4.33 -10.22
CA GLY A 53 17.17 -3.62 -11.35
C GLY A 53 15.75 -3.15 -11.08
N VAL A 54 15.55 -2.46 -9.96
CA VAL A 54 14.24 -1.94 -9.61
C VAL A 54 14.29 -0.44 -9.34
N GLU A 55 15.29 0.23 -9.91
CA GLU A 55 15.44 1.67 -9.75
C GLU A 55 14.23 2.40 -10.32
N HIS A 56 13.74 1.92 -11.45
CA HIS A 56 12.58 2.53 -12.11
C HIS A 56 11.36 2.45 -11.21
N GLN A 57 11.30 1.41 -10.40
CA GLN A 57 10.17 1.22 -9.50
C GLN A 57 10.26 2.19 -8.33
N LEU A 58 11.49 2.50 -7.91
CA LEU A 58 11.70 3.48 -6.85
C LEU A 58 11.28 4.87 -7.33
N ARG A 59 11.53 5.15 -8.60
CA ARG A 59 11.07 6.41 -9.21
C ARG A 59 9.56 6.49 -9.08
N ARG A 60 8.89 5.41 -9.44
CA ARG A 60 7.44 5.31 -9.34
C ARG A 60 6.95 5.50 -7.90
N GLU A 61 7.63 4.86 -6.94
CA GLU A 61 7.25 4.97 -5.54
C GLU A 61 7.34 6.43 -5.07
N VAL A 62 8.43 7.10 -5.41
CA VAL A 62 8.68 8.45 -4.92
C VAL A 62 7.77 9.47 -5.60
N GLU A 63 7.61 9.36 -6.91
CA GLU A 63 6.81 10.32 -7.67
C GLU A 63 5.31 10.16 -7.39
N ILE A 64 4.83 8.92 -7.38
CA ILE A 64 3.40 8.68 -7.18
C ILE A 64 2.94 9.03 -5.77
N GLN A 65 3.69 8.58 -4.77
CA GLN A 65 3.27 8.78 -3.39
C GLN A 65 3.33 10.25 -2.97
N SER A 66 4.30 10.99 -3.51
CA SER A 66 4.49 12.39 -3.13
C SER A 66 3.35 13.28 -3.64
N HIS A 67 2.69 12.84 -4.71
CA HIS A 67 1.62 13.65 -5.32
C HIS A 67 0.23 13.20 -4.87
N LEU A 68 0.17 12.18 -4.01
CA LEU A 68 -1.11 11.72 -3.47
C LEU A 68 -1.47 12.47 -2.19
N ARG A 69 -2.74 12.80 -2.04
CA ARG A 69 -3.23 13.48 -0.85
C ARG A 69 -4.52 12.85 -0.35
N HIS A 70 -4.42 12.10 0.75
CA HIS A 70 -5.57 11.44 1.34
C HIS A 70 -5.29 11.11 2.80
N PRO A 71 -6.27 11.35 3.68
CA PRO A 71 -6.14 11.09 5.11
C PRO A 71 -5.74 9.64 5.43
N ASN A 72 -6.13 8.72 4.57
CA ASN A 72 -5.82 7.30 4.77
C ASN A 72 -4.67 6.83 3.89
N ILE A 73 -3.83 7.77 3.45
CA ILE A 73 -2.63 7.44 2.71
C ILE A 73 -1.43 8.13 3.35
N LEU A 74 -0.39 7.36 3.64
CA LEU A 74 0.82 7.91 4.25
C LEU A 74 1.46 8.95 3.34
N ARG A 75 1.90 10.05 3.94
CA ARG A 75 2.52 11.15 3.20
C ARG A 75 4.02 10.92 2.98
N LEU A 76 4.48 11.23 1.77
CA LEU A 76 5.90 11.28 1.48
C LEU A 76 6.30 12.74 1.24
N TYR A 77 6.94 13.34 2.23
CA TYR A 77 7.22 14.78 2.19
C TYR A 77 8.33 15.15 1.22
N GLY A 78 9.30 14.27 1.04
CA GLY A 78 10.41 14.54 0.14
C GLY A 78 11.45 13.42 0.10
N TYR A 79 12.47 13.63 -0.72
CA TYR A 79 13.53 12.63 -0.89
C TYR A 79 14.87 13.28 -1.18
N PHE A 80 15.95 12.52 -0.99
CA PHE A 80 17.30 12.96 -1.35
C PHE A 80 18.25 11.76 -1.39
N HIS A 81 19.42 11.95 -2.00
CA HIS A 81 20.39 10.86 -2.14
C HIS A 81 21.83 11.37 -2.00
N ASP A 82 22.77 10.44 -1.88
CA ASP A 82 24.16 10.80 -1.63
C ASP A 82 25.14 9.84 -2.30
N ALA A 83 24.77 9.37 -3.48
CA ALA A 83 25.63 8.51 -4.31
C ALA A 83 25.97 7.17 -3.67
N THR A 84 25.33 6.86 -2.54
CA THR A 84 25.49 5.57 -1.88
C THR A 84 24.13 5.03 -1.46
N ARG A 85 23.30 5.92 -0.93
CA ARG A 85 21.97 5.55 -0.48
C ARG A 85 20.92 6.52 -1.02
N VAL A 86 19.66 6.09 -0.98
CA VAL A 86 18.54 6.96 -1.30
C VAL A 86 17.67 7.12 -0.05
N TYR A 87 17.30 8.35 0.26
CA TYR A 87 16.57 8.63 1.50
C TYR A 87 15.17 9.17 1.22
N LEU A 88 14.16 8.47 1.72
CA LEU A 88 12.78 8.90 1.61
C LEU A 88 12.28 9.45 2.93
N ILE A 89 11.69 10.64 2.88
CA ILE A 89 11.18 11.30 4.08
C ILE A 89 9.68 11.09 4.21
N LEU A 90 9.30 10.11 5.03
CA LEU A 90 7.91 9.69 5.16
C LEU A 90 7.23 10.23 6.40
N GLU A 91 5.90 10.30 6.35
CA GLU A 91 5.10 10.64 7.51
C GLU A 91 5.23 9.57 8.59
N TYR A 92 5.34 9.99 9.84
CA TYR A 92 5.48 9.06 10.96
C TYR A 92 4.14 8.49 11.40
N ALA A 93 4.08 7.16 11.50
CA ALA A 93 2.86 6.49 11.98
C ALA A 93 3.12 5.87 13.35
N PRO A 94 2.64 6.55 14.41
CA PRO A 94 2.96 6.28 15.82
C PRO A 94 2.56 4.89 16.33
N LEU A 95 1.49 4.31 15.78
CA LEU A 95 0.98 3.05 16.33
C LEU A 95 1.40 1.83 15.52
N GLY A 96 2.35 2.03 14.60
CA GLY A 96 2.95 0.91 13.88
C GLY A 96 2.04 0.25 12.86
N THR A 97 2.39 -0.99 12.49
CA THR A 97 1.68 -1.70 11.44
C THR A 97 0.43 -2.39 11.92
N VAL A 98 -0.46 -2.68 10.98
CA VAL A 98 -1.64 -3.50 11.27
C VAL A 98 -1.16 -4.93 11.46
N TYR A 99 -0.06 -5.28 10.80
CA TYR A 99 0.57 -6.59 10.92
C TYR A 99 0.96 -6.89 12.37
N ARG A 100 1.58 -5.91 13.02
CA ARG A 100 1.97 -6.05 14.42
C ARG A 100 0.72 -6.13 15.30
N GLU A 101 -0.31 -5.37 14.93
CA GLU A 101 -1.56 -5.37 15.68
CA GLU A 101 -1.55 -5.37 15.69
C GLU A 101 -2.27 -6.71 15.55
N LEU A 102 -2.25 -7.27 14.35
CA LEU A 102 -2.86 -8.57 14.09
C LEU A 102 -2.12 -9.66 14.85
N GLN A 103 -0.80 -9.54 14.89
CA GLN A 103 0.04 -10.50 15.62
C GLN A 103 -0.22 -10.39 17.12
N LYS A 104 -0.48 -9.17 17.57
CA LYS A 104 -0.78 -8.90 18.98
C LYS A 104 -2.16 -9.44 19.36
N LEU A 105 -3.11 -9.32 18.45
CA LEU A 105 -4.51 -9.64 18.75
C LEU A 105 -4.95 -11.00 18.20
N SER A 106 -4.06 -11.65 17.45
CA SER A 106 -4.35 -12.91 16.77
C SER A 106 -5.40 -12.78 15.65
N LYS A 107 -6.49 -12.07 15.94
CA LYS A 107 -7.54 -11.84 14.95
C LYS A 107 -8.40 -10.65 15.33
N PHE A 108 -8.92 -9.95 14.33
CA PHE A 108 -9.78 -8.79 14.55
C PHE A 108 -11.25 -9.21 14.55
N ASP A 109 -12.06 -8.54 15.36
CA ASP A 109 -13.51 -8.77 15.33
C ASP A 109 -14.10 -8.07 14.11
N GLU A 110 -15.40 -8.26 13.89
CA GLU A 110 -16.06 -7.73 12.70
C GLU A 110 -16.10 -6.21 12.68
N GLN A 111 -16.20 -5.60 13.86
CA GLN A 111 -16.22 -4.15 13.95
C GLN A 111 -14.90 -3.53 13.50
N ARG A 112 -13.80 -4.10 13.99
CA ARG A 112 -12.47 -3.59 13.66
C ARG A 112 -12.12 -3.85 12.20
N THR A 113 -12.45 -5.05 11.73
CA THR A 113 -12.16 -5.47 10.37
C THR A 113 -12.89 -4.58 9.36
N ALA A 114 -14.19 -4.39 9.56
CA ALA A 114 -15.00 -3.57 8.67
C ALA A 114 -14.54 -2.12 8.67
N THR A 115 -14.07 -1.65 9.82
CA THR A 115 -13.56 -0.29 9.95
C THR A 115 -12.30 -0.12 9.11
N TYR A 116 -11.38 -1.08 9.22
CA TYR A 116 -10.14 -1.05 8.46
C TYR A 116 -10.38 -1.15 6.96
N ILE A 117 -11.36 -1.98 6.57
CA ILE A 117 -11.68 -2.17 5.17
C ILE A 117 -12.27 -0.89 4.58
N THR A 118 -13.12 -0.22 5.35
CA THR A 118 -13.73 1.04 4.93
C THR A 118 -12.68 2.11 4.68
N GLU A 119 -11.78 2.29 5.63
CA GLU A 119 -10.69 3.26 5.49
C GLU A 119 -9.81 2.93 4.30
N LEU A 120 -9.54 1.64 4.12
CA LEU A 120 -8.68 1.19 3.03
C LEU A 120 -9.35 1.32 1.67
N ALA A 121 -10.64 0.98 1.62
CA ALA A 121 -11.39 1.06 0.37
C ALA A 121 -11.54 2.52 -0.06
N ASN A 122 -11.69 3.42 0.91
CA ASN A 122 -11.75 4.84 0.63
C ASN A 122 -10.46 5.34 0.00
N ALA A 123 -9.34 4.94 0.60
CA ALA A 123 -8.03 5.34 0.12
C ALA A 123 -7.74 4.75 -1.26
N LEU A 124 -8.15 3.50 -1.46
CA LEU A 124 -7.94 2.84 -2.74
C LEU A 124 -8.83 3.44 -3.83
N SER A 125 -10.06 3.81 -3.44
CA SER A 125 -11.00 4.43 -4.37
C SER A 125 -10.42 5.74 -4.90
N TYR A 126 -9.73 6.46 -4.01
CA TYR A 126 -9.05 7.68 -4.38
C TYR A 126 -7.86 7.39 -5.30
N CYS A 127 -7.13 6.31 -5.01
CA CYS A 127 -6.01 5.91 -5.85
C CYS A 127 -6.44 5.55 -7.26
N HIS A 128 -7.52 4.80 -7.38
CA HIS A 128 -7.99 4.33 -8.68
C HIS A 128 -8.63 5.45 -9.48
N SER A 129 -9.11 6.48 -8.79
CA SER A 129 -9.64 7.66 -9.46
C SER A 129 -8.51 8.42 -10.13
N LYS A 130 -7.30 8.24 -9.61
CA LYS A 130 -6.11 8.83 -10.21
C LYS A 130 -5.39 7.81 -11.07
N ARG A 131 -6.07 6.69 -11.32
CA ARG A 131 -5.56 5.60 -12.16
C ARG A 131 -4.28 4.99 -11.58
N VAL A 132 -4.18 5.00 -10.27
CA VAL A 132 -3.02 4.42 -9.59
C VAL A 132 -3.35 3.04 -9.02
N ILE A 133 -2.47 2.07 -9.24
CA ILE A 133 -2.63 0.75 -8.66
C ILE A 133 -1.51 0.49 -7.65
N HIS A 134 -1.89 0.11 -6.42
CA HIS A 134 -0.91 -0.10 -5.36
C HIS A 134 -0.12 -1.40 -5.56
N ARG A 135 -0.85 -2.48 -5.81
CA ARG A 135 -0.30 -3.80 -6.14
C ARG A 135 0.47 -4.49 -5.00
N ASP A 136 0.48 -3.91 -3.80
CA ASP A 136 1.16 -4.56 -2.69
C ASP A 136 0.40 -4.39 -1.36
N ILE A 137 -0.91 -4.51 -1.41
CA ILE A 137 -1.72 -4.45 -0.19
C ILE A 137 -1.46 -5.66 0.70
N LYS A 138 -1.03 -5.39 1.93
CA LYS A 138 -0.79 -6.42 2.94
C LYS A 138 -0.63 -5.74 4.31
N PRO A 139 -0.84 -6.48 5.41
CA PRO A 139 -0.80 -5.89 6.75
C PRO A 139 0.51 -5.16 7.07
N GLU A 140 1.64 -5.64 6.54
CA GLU A 140 2.91 -4.98 6.77
C GLU A 140 2.96 -3.58 6.15
N ASN A 141 2.17 -3.37 5.11
CA ASN A 141 2.18 -2.09 4.39
C ASN A 141 1.02 -1.19 4.78
N LEU A 142 0.36 -1.53 5.88
CA LEU A 142 -0.73 -0.71 6.41
C LEU A 142 -0.34 -0.17 7.78
N LEU A 143 -0.33 1.15 7.91
CA LEU A 143 0.11 1.78 9.14
C LEU A 143 -1.05 2.40 9.92
N LEU A 144 -0.79 2.71 11.19
CA LEU A 144 -1.81 3.29 12.05
C LEU A 144 -1.40 4.67 12.57
N GLY A 145 -2.29 5.64 12.43
CA GLY A 145 -2.02 7.00 12.87
C GLY A 145 -2.12 7.15 14.37
N SER A 146 -2.03 8.39 14.86
CA SER A 146 -2.03 8.67 16.28
C SER A 146 -3.39 8.39 16.93
N ALA A 147 -4.44 8.35 16.09
CA ALA A 147 -5.78 8.08 16.58
C ALA A 147 -6.27 6.71 16.12
N GLY A 148 -5.35 5.93 15.56
CA GLY A 148 -5.66 4.58 15.13
C GLY A 148 -6.22 4.48 13.72
N GLU A 149 -6.15 5.58 12.98
CA GLU A 149 -6.62 5.57 11.60
C GLU A 149 -5.66 4.80 10.71
N LEU A 150 -6.21 4.04 9.76
CA LEU A 150 -5.41 3.26 8.84
C LEU A 150 -4.85 4.13 7.72
N LYS A 151 -3.59 3.89 7.37
CA LYS A 151 -2.97 4.60 6.26
C LYS A 151 -2.13 3.65 5.40
N ILE A 152 -2.38 3.66 4.09
CA ILE A 152 -1.59 2.87 3.16
C ILE A 152 -0.18 3.40 3.06
N ALA A 153 0.79 2.49 3.03
CA ALA A 153 2.18 2.88 2.88
C ALA A 153 2.88 1.98 1.85
N ASP A 154 4.16 2.24 1.64
CA ASP A 154 5.00 1.46 0.73
C ASP A 154 4.41 1.35 -0.68
N PHE A 155 4.62 2.39 -1.48
CA PHE A 155 4.19 2.38 -2.88
C PHE A 155 5.30 1.84 -3.76
N GLY A 156 6.11 0.95 -3.19
CA GLY A 156 7.26 0.40 -3.87
C GLY A 156 6.94 -0.60 -4.97
N TRP A 157 5.66 -0.91 -5.15
CA TRP A 157 5.24 -1.77 -6.26
C TRP A 157 4.19 -1.07 -7.12
N SER A 158 3.86 0.16 -6.76
CA SER A 158 2.77 0.89 -7.39
C SER A 158 3.13 1.36 -8.80
N VAL A 159 2.11 1.69 -9.57
CA VAL A 159 2.31 2.15 -10.95
C VAL A 159 1.15 3.06 -11.38
N HIS A 160 1.49 4.11 -12.12
CA HIS A 160 0.48 5.00 -12.69
C HIS A 160 0.08 4.48 -14.07
N ALA A 161 -1.13 3.93 -14.16
CA ALA A 161 -1.56 3.27 -15.40
C ALA A 161 -2.91 3.77 -15.91
N PRO A 162 -2.94 4.98 -16.48
N PRO A 162 -2.94 4.98 -16.50
CA PRO A 162 -4.20 5.51 -17.02
CA PRO A 162 -4.17 5.48 -17.10
C PRO A 162 -4.53 4.91 -18.38
C PRO A 162 -4.42 4.87 -18.48
N SER A 163 -3.51 4.47 -19.11
N SER A 163 -3.38 4.27 -19.05
CA SER A 163 -3.71 3.94 -20.46
CA SER A 163 -3.47 3.70 -20.38
C SER A 163 -2.78 2.75 -20.75
C SER A 163 -3.25 2.19 -20.39
N SER A 164 -2.86 1.73 -19.90
N SER A 164 -2.05 1.75 -20.03
CA SER A 164 -2.06 0.52 -20.09
CA SER A 164 -1.66 0.36 -20.18
C SER A 164 -2.48 -0.57 -19.10
C SER A 164 -2.22 -0.59 -19.13
N ARG A 165 -2.47 -1.82 -19.54
CA ARG A 165 -2.67 -2.93 -18.63
C ARG A 165 -1.29 -3.52 -18.39
N ARG A 166 -1.06 -4.04 -17.21
CA ARG A 166 0.31 -4.35 -16.78
C ARG A 166 0.66 -5.83 -16.94
N THR A 167 1.96 -6.12 -16.91
CA THR A 167 2.45 -7.48 -17.07
C THR A 167 3.45 -7.85 -15.96
N TPO A 168 3.74 -6.90 -15.08
CA TPO A 168 4.75 -7.08 -14.05
CB TPO A 168 5.21 -5.72 -13.51
CG2 TPO A 168 6.26 -5.94 -12.40
OG1 TPO A 168 5.81 -4.99 -14.57
P TPO A 168 5.17 -3.51 -14.62
O1P TPO A 168 5.67 -2.78 -15.96
O2P TPO A 168 3.56 -3.58 -14.61
O3P TPO A 168 5.62 -2.72 -13.44
C TPO A 168 4.26 -7.98 -12.89
O TPO A 168 3.21 -7.75 -12.30
N LEU A 169 5.04 -9.02 -12.59
CA LEU A 169 4.80 -9.83 -11.41
C LEU A 169 5.13 -8.97 -10.20
N ALA A 170 4.11 -8.36 -9.61
CA ALA A 170 4.29 -7.41 -8.52
C ALA A 170 3.47 -7.77 -7.29
N GLY A 171 4.08 -7.65 -6.12
CA GLY A 171 3.36 -7.88 -4.87
C GLY A 171 4.06 -8.84 -3.93
N THR A 172 3.26 -9.55 -3.13
CA THR A 172 3.76 -10.52 -2.16
C THR A 172 3.02 -11.84 -2.31
N LEU A 173 3.75 -12.94 -2.13
CA LEU A 173 3.27 -14.30 -2.39
C LEU A 173 1.81 -14.58 -2.01
N ASP A 174 1.48 -14.45 -0.73
CA ASP A 174 0.17 -14.86 -0.24
C ASP A 174 -0.97 -13.97 -0.74
N TYR A 175 -0.62 -12.85 -1.36
CA TYR A 175 -1.61 -11.86 -1.76
C TYR A 175 -1.67 -11.70 -3.27
N LEU A 176 -0.84 -12.47 -3.98
CA LEU A 176 -0.77 -12.39 -5.44
C LEU A 176 -2.08 -12.82 -6.10
N PRO A 177 -2.60 -12.00 -7.02
CA PRO A 177 -3.81 -12.34 -7.77
C PRO A 177 -3.57 -13.46 -8.76
N PRO A 178 -4.63 -14.20 -9.14
CA PRO A 178 -4.52 -15.31 -10.08
C PRO A 178 -3.98 -14.90 -11.44
N GLU A 179 -4.33 -13.72 -11.93
CA GLU A 179 -3.89 -13.28 -13.25
C GLU A 179 -2.37 -13.15 -13.33
N MET A 180 -1.75 -12.72 -12.23
CA MET A 180 -0.30 -12.63 -12.19
C MET A 180 0.35 -14.00 -12.17
N ILE A 181 -0.20 -14.89 -11.35
CA ILE A 181 0.29 -16.26 -11.25
C ILE A 181 0.20 -16.98 -12.58
N GLU A 182 -0.92 -16.76 -13.28
CA GLU A 182 -1.20 -17.48 -14.52
C GLU A 182 -0.58 -16.79 -15.74
N GLY A 183 0.32 -15.84 -15.48
CA GLY A 183 1.05 -15.16 -16.54
C GLY A 183 0.18 -14.32 -17.46
N ARG A 184 -0.91 -13.81 -16.92
CA ARG A 184 -1.81 -12.96 -17.68
C ARG A 184 -1.49 -11.49 -17.45
N MET A 185 -2.21 -10.61 -18.12
CA MET A 185 -2.08 -9.18 -17.85
C MET A 185 -3.02 -8.79 -16.72
N HIS A 186 -2.75 -7.66 -16.08
CA HIS A 186 -3.56 -7.24 -14.94
C HIS A 186 -3.81 -5.74 -14.92
N ASP A 187 -4.83 -5.33 -14.17
CA ASP A 187 -5.18 -3.93 -14.01
C ASP A 187 -5.43 -3.62 -12.53
N GLU A 188 -6.25 -2.61 -12.27
CA GLU A 188 -6.51 -2.15 -10.91
C GLU A 188 -7.28 -3.16 -10.07
N LYS A 189 -7.83 -4.19 -10.72
CA LYS A 189 -8.60 -5.20 -10.03
C LYS A 189 -7.74 -6.09 -9.13
N VAL A 190 -6.42 -5.93 -9.22
CA VAL A 190 -5.53 -6.69 -8.35
C VAL A 190 -5.60 -6.17 -6.92
N ASP A 191 -5.95 -4.90 -6.76
CA ASP A 191 -6.08 -4.29 -5.43
C ASP A 191 -7.30 -4.82 -4.70
N LEU A 192 -8.33 -5.22 -5.45
CA LEU A 192 -9.55 -5.71 -4.86
C LEU A 192 -9.46 -7.19 -4.51
N TRP A 193 -8.62 -7.91 -5.24
CA TRP A 193 -8.30 -9.29 -4.87
C TRP A 193 -7.54 -9.28 -3.55
N SER A 194 -6.49 -8.46 -3.47
CA SER A 194 -5.70 -8.37 -2.25
C SER A 194 -6.52 -7.84 -1.08
N LEU A 195 -7.53 -7.04 -1.38
CA LEU A 195 -8.45 -6.54 -0.37
C LEU A 195 -9.25 -7.70 0.21
N GLY A 196 -9.59 -8.66 -0.65
CA GLY A 196 -10.32 -9.84 -0.24
C GLY A 196 -9.45 -10.77 0.59
N VAL A 197 -8.20 -10.93 0.16
CA VAL A 197 -7.23 -11.72 0.91
C VAL A 197 -7.01 -11.10 2.28
N LEU A 198 -6.94 -9.78 2.31
CA LEU A 198 -6.69 -9.05 3.54
C LEU A 198 -7.85 -9.17 4.54
N CYS A 199 -9.07 -9.07 4.03
CA CYS A 199 -10.26 -9.15 4.87
C CYS A 199 -10.35 -10.52 5.53
N TYR A 200 -9.92 -11.54 4.81
CA TYR A 200 -9.88 -12.89 5.33
C TYR A 200 -8.87 -12.99 6.46
N GLU A 201 -7.69 -12.42 6.26
CA GLU A 201 -6.62 -12.53 7.26
C GLU A 201 -6.95 -11.73 8.52
N PHE A 202 -7.72 -10.67 8.37
CA PHE A 202 -8.14 -9.87 9.52
C PHE A 202 -9.07 -10.67 10.44
N LEU A 203 -9.92 -11.49 9.84
CA LEU A 203 -10.93 -12.24 10.58
C LEU A 203 -10.41 -13.61 11.05
N VAL A 204 -9.59 -14.24 10.21
CA VAL A 204 -9.11 -15.59 10.51
C VAL A 204 -7.74 -15.56 11.21
N GLY A 205 -6.90 -14.59 10.83
CA GLY A 205 -5.59 -14.48 11.43
C GLY A 205 -4.53 -15.13 10.56
N LYS A 206 -4.95 -15.63 9.40
CA LYS A 206 -4.06 -16.30 8.47
C LYS A 206 -4.55 -16.13 7.04
N PRO A 207 -3.62 -15.91 6.09
CA PRO A 207 -3.97 -15.84 4.66
C PRO A 207 -4.65 -17.12 4.17
N PRO A 208 -5.66 -16.99 3.30
CA PRO A 208 -6.50 -18.12 2.88
C PRO A 208 -5.81 -19.15 1.98
N PHE A 209 -4.69 -18.78 1.37
CA PHE A 209 -4.00 -19.69 0.47
C PHE A 209 -2.62 -20.07 1.00
N GLU A 210 -2.43 -19.88 2.31
CA GLU A 210 -1.13 -20.13 2.92
C GLU A 210 -0.74 -21.60 2.83
N ALA A 211 0.52 -21.85 2.48
CA ALA A 211 1.05 -23.20 2.37
C ALA A 211 2.55 -23.22 2.62
N ASN A 212 3.12 -24.41 2.78
CA ASN A 212 4.53 -24.56 3.08
C ASN A 212 5.42 -24.20 1.90
N THR A 213 4.94 -24.47 0.70
CA THR A 213 5.68 -24.12 -0.51
C THR A 213 4.90 -23.08 -1.32
N TYR A 214 5.61 -22.36 -2.19
CA TYR A 214 4.96 -21.33 -3.00
C TYR A 214 4.29 -21.95 -4.23
N GLN A 215 4.78 -23.12 -4.63
CA GLN A 215 4.16 -23.84 -5.75
C GLN A 215 2.74 -24.25 -5.40
N GLU A 216 2.55 -24.73 -4.16
CA GLU A 216 1.24 -25.09 -3.66
C GLU A 216 0.37 -23.84 -3.50
N THR A 217 0.99 -22.74 -3.05
CA THR A 217 0.29 -21.48 -2.90
C THR A 217 -0.19 -20.97 -4.26
N TYR A 218 0.66 -21.09 -5.26
CA TYR A 218 0.30 -20.71 -6.64
C TYR A 218 -0.91 -21.52 -7.10
N LYS A 219 -0.90 -22.81 -6.81
CA LYS A 219 -2.00 -23.69 -7.17
C LYS A 219 -3.30 -23.25 -6.50
N ARG A 220 -3.25 -23.03 -5.19
CA ARG A 220 -4.44 -22.65 -4.43
CA ARG A 220 -4.44 -22.66 -4.44
C ARG A 220 -4.99 -21.30 -4.87
N ILE A 221 -4.10 -20.35 -5.15
CA ILE A 221 -4.51 -19.04 -5.63
C ILE A 221 -5.20 -19.15 -6.99
N SER A 222 -4.58 -19.89 -7.90
CA SER A 222 -5.11 -20.05 -9.26
C SER A 222 -6.47 -20.72 -9.25
N ARG A 223 -6.67 -21.66 -8.33
CA ARG A 223 -7.95 -22.35 -8.20
C ARG A 223 -8.93 -21.55 -7.34
N VAL A 224 -8.41 -20.55 -6.65
CA VAL A 224 -9.14 -19.87 -5.58
C VAL A 224 -9.65 -20.94 -4.62
N GLU A 225 -8.72 -21.75 -4.14
CA GLU A 225 -9.02 -22.90 -3.29
C GLU A 225 -8.79 -22.58 -1.82
N PHE A 226 -9.87 -22.32 -1.09
CA PHE A 226 -9.80 -22.03 0.33
C PHE A 226 -11.13 -22.31 1.01
N THR A 227 -11.12 -22.36 2.35
CA THR A 227 -12.34 -22.53 3.12
C THR A 227 -12.39 -21.51 4.26
N PHE A 228 -13.60 -21.28 4.78
CA PHE A 228 -13.78 -20.44 5.96
C PHE A 228 -13.88 -21.28 7.23
N PRO A 229 -13.31 -20.77 8.34
CA PRO A 229 -13.64 -21.37 9.63
C PRO A 229 -15.11 -21.10 9.94
N ASP A 230 -15.74 -21.92 10.79
CA ASP A 230 -17.18 -21.86 10.99
C ASP A 230 -17.68 -20.51 11.51
N PHE A 231 -16.85 -19.82 12.29
CA PHE A 231 -17.32 -18.60 12.95
C PHE A 231 -17.46 -17.40 12.02
N VAL A 232 -16.91 -17.49 10.82
CA VAL A 232 -17.04 -16.39 9.87
C VAL A 232 -18.51 -16.22 9.46
N THR A 233 -19.03 -15.02 9.70
CA THR A 233 -20.45 -14.74 9.46
C THR A 233 -20.79 -14.74 7.97
N GLU A 234 -22.08 -14.88 7.67
CA GLU A 234 -22.56 -14.95 6.29
C GLU A 234 -22.23 -13.68 5.51
N GLY A 235 -22.30 -12.53 6.19
CA GLY A 235 -22.00 -11.26 5.56
C GLY A 235 -20.53 -11.14 5.21
N ALA A 236 -19.67 -11.66 6.08
CA ALA A 236 -18.24 -11.65 5.85
C ALA A 236 -17.87 -12.62 4.73
N ARG A 237 -18.52 -13.78 4.72
CA ARG A 237 -18.30 -14.79 3.69
C ARG A 237 -18.68 -14.25 2.32
N ASP A 238 -19.79 -13.51 2.28
CA ASP A 238 -20.29 -12.95 1.03
C ASP A 238 -19.32 -11.92 0.44
N LEU A 239 -18.85 -11.00 1.28
CA LEU A 239 -17.94 -9.95 0.82
C LEU A 239 -16.62 -10.52 0.30
N ILE A 240 -16.03 -11.42 1.08
CA ILE A 240 -14.77 -12.04 0.71
C ILE A 240 -14.88 -12.83 -0.59
N SER A 241 -15.95 -13.60 -0.72
CA SER A 241 -16.17 -14.43 -1.91
C SER A 241 -16.32 -13.59 -3.18
N ARG A 242 -16.91 -12.40 -3.04
CA ARG A 242 -17.07 -11.50 -4.17
C ARG A 242 -15.74 -10.90 -4.59
N LEU A 243 -14.90 -10.57 -3.60
CA LEU A 243 -13.60 -9.97 -3.86
C LEU A 243 -12.60 -10.99 -4.39
N LEU A 244 -12.79 -12.26 -4.05
CA LEU A 244 -11.87 -13.30 -4.47
C LEU A 244 -12.38 -14.07 -5.69
N LYS A 245 -12.95 -13.35 -6.64
CA LYS A 245 -13.35 -13.97 -7.90
C LYS A 245 -12.12 -14.21 -8.77
N HIS A 246 -12.08 -15.35 -9.44
CA HIS A 246 -10.96 -15.67 -10.33
C HIS A 246 -10.95 -14.70 -11.51
N ASN A 247 -12.12 -14.46 -12.09
CA ASN A 247 -12.28 -13.50 -13.16
C ASN A 247 -12.24 -12.08 -12.59
N PRO A 248 -11.18 -11.31 -12.94
CA PRO A 248 -10.95 -9.97 -12.38
C PRO A 248 -12.10 -9.01 -12.61
N SER A 249 -12.77 -9.13 -13.76
CA SER A 249 -13.85 -8.22 -14.11
C SER A 249 -15.13 -8.54 -13.34
N GLN A 250 -15.16 -9.68 -12.68
CA GLN A 250 -16.34 -10.08 -11.92
C GLN A 250 -16.22 -9.62 -10.46
N ARG A 251 -15.04 -9.14 -10.08
CA ARG A 251 -14.84 -8.58 -8.75
C ARG A 251 -15.57 -7.24 -8.68
N PRO A 252 -16.12 -6.91 -7.50
CA PRO A 252 -16.94 -5.69 -7.38
C PRO A 252 -16.12 -4.42 -7.49
N MET A 253 -16.79 -3.28 -7.43
CA MET A 253 -16.10 -2.00 -7.38
C MET A 253 -15.94 -1.56 -5.92
N LEU A 254 -15.00 -0.66 -5.68
CA LEU A 254 -14.72 -0.20 -4.33
C LEU A 254 -15.92 0.55 -3.76
N ARG A 255 -16.69 1.19 -4.64
CA ARG A 255 -17.92 1.85 -4.22
C ARG A 255 -18.94 0.82 -3.74
N GLU A 256 -18.91 -0.37 -4.33
CA GLU A 256 -19.82 -1.45 -3.97
C GLU A 256 -19.39 -2.10 -2.66
N VAL A 257 -18.10 -2.09 -2.39
CA VAL A 257 -17.57 -2.62 -1.14
C VAL A 257 -17.94 -1.71 0.03
N LEU A 258 -17.83 -0.40 -0.21
CA LEU A 258 -18.15 0.59 0.81
C LEU A 258 -19.64 0.60 1.16
N GLU A 259 -20.46 0.12 0.23
CA GLU A 259 -21.91 0.09 0.42
C GLU A 259 -22.40 -1.31 0.77
N HIS A 260 -21.47 -2.22 0.99
CA HIS A 260 -21.82 -3.60 1.36
C HIS A 260 -22.49 -3.63 2.73
N PRO A 261 -23.62 -4.34 2.83
CA PRO A 261 -24.42 -4.43 4.07
C PRO A 261 -23.60 -4.83 5.29
N TRP A 262 -22.69 -5.79 5.12
CA TRP A 262 -21.84 -6.25 6.20
C TRP A 262 -20.85 -5.17 6.63
N ILE A 263 -20.38 -4.38 5.66
CA ILE A 263 -19.45 -3.30 5.93
C ILE A 263 -20.13 -2.17 6.70
N THR A 264 -21.28 -1.74 6.20
CA THR A 264 -21.98 -0.59 6.77
C THR A 264 -22.64 -0.90 8.11
N ALA A 265 -22.62 -2.15 8.51
CA ALA A 265 -23.26 -2.56 9.77
C ALA A 265 -22.24 -2.79 10.88
N ASN A 266 -20.96 -2.79 10.52
CA ASN A 266 -19.91 -3.05 11.50
C ASN A 266 -18.85 -1.97 11.56
N SER A 267 -18.79 -1.14 10.51
CA SER A 267 -17.78 -0.09 10.45
C SER A 267 -18.07 1.04 11.42
N SER A 268 -17.00 1.62 11.98
CA SER A 268 -17.13 2.75 12.89
C SER A 268 -16.88 4.06 12.17
N LYS A 269 -16.55 3.97 10.88
CA LYS A 269 -16.28 5.14 10.07
C LYS A 269 -17.01 5.07 8.73
N PRO A 270 -17.56 6.21 8.27
CA PRO A 270 -18.33 6.27 7.03
C PRO A 270 -17.46 6.23 5.78
N SER A 271 -18.08 6.39 4.62
CA SER A 271 -17.36 6.39 3.35
C SER A 271 -16.73 7.75 3.08
N ASN A 272 -16.14 7.91 1.90
CA ASN A 272 -15.48 9.15 1.53
C ASN A 272 -16.45 10.33 1.43
N SER B 1 17.49 10.84 -16.07
CA SER B 1 18.68 10.46 -15.33
C SER B 1 18.32 9.73 -14.04
N SER B 2 19.27 8.97 -13.51
CA SER B 2 19.04 8.15 -12.33
C SER B 2 18.89 9.00 -11.07
N TYR B 3 17.94 8.60 -10.22
CA TYR B 3 17.71 9.20 -8.91
C TYR B 3 17.33 10.68 -8.97
N SER B 4 17.02 11.16 -10.17
CA SER B 4 16.49 12.51 -10.33
C SER B 4 15.00 12.44 -10.61
N TYR B 5 14.22 12.50 -9.53
CA TYR B 5 12.78 12.23 -9.61
C TYR B 5 11.96 13.52 -9.66
N ASP B 6 10.78 13.43 -10.27
CA ASP B 6 9.82 14.53 -10.25
C ASP B 6 9.09 14.54 -8.92
N ALA B 7 9.75 15.04 -7.89
CA ALA B 7 9.24 14.99 -6.53
C ALA B 7 9.92 16.04 -5.65
N PRO B 8 9.25 16.46 -4.57
CA PRO B 8 9.84 17.43 -3.63
C PRO B 8 11.20 16.97 -3.11
N SER B 9 12.20 17.85 -3.16
CA SER B 9 13.52 17.53 -2.67
C SER B 9 14.14 18.70 -1.91
N ASP B 10 13.34 19.74 -1.68
CA ASP B 10 13.82 20.93 -0.99
C ASP B 10 13.54 20.88 0.50
N PHE B 11 14.31 21.64 1.27
CA PHE B 11 14.13 21.69 2.72
C PHE B 11 12.78 22.30 3.09
N ILE B 12 12.05 21.62 3.96
CA ILE B 12 10.75 22.09 4.41
C ILE B 12 10.80 22.55 5.86
N ASN B 13 10.23 23.72 6.13
CA ASN B 13 10.16 24.23 7.49
C ASN B 13 8.90 23.71 8.18
N PHE B 14 9.06 22.63 8.95
CA PHE B 14 7.91 21.93 9.53
C PHE B 14 7.21 22.71 10.64
N SER B 15 7.78 23.85 11.03
CA SER B 15 7.17 24.68 12.06
C SER B 15 6.08 25.56 11.46
N SER B 16 6.26 25.92 10.20
CA SER B 16 5.32 26.80 9.52
C SER B 16 3.99 26.11 9.20
N LEU B 17 4.04 25.17 8.25
CA LEU B 17 2.83 24.49 7.81
C LEU B 17 2.89 22.99 8.10
N THR B 23 -2.62 21.45 -0.92
CA THR B 23 -3.99 21.41 -1.39
C THR B 23 -4.33 20.06 -2.01
N GLN B 24 -5.53 19.95 -2.53
CA GLN B 24 -6.05 18.71 -3.10
C GLN B 24 -5.78 18.71 -4.60
N ASN B 25 -5.25 19.82 -5.13
CA ASN B 25 -5.06 19.95 -6.58
C ASN B 25 -3.82 19.19 -6.96
N ILE B 26 -2.88 19.05 -6.03
CA ILE B 26 -1.57 18.53 -6.43
C ILE B 26 -1.73 17.15 -7.07
N ASP B 27 -2.90 16.56 -6.81
CA ASP B 27 -3.38 15.38 -7.50
C ASP B 27 -3.43 15.54 -9.02
N SER B 28 -3.53 16.78 -9.50
CA SER B 28 -3.63 17.03 -10.95
C SER B 28 -2.38 16.61 -11.69
N TRP B 29 -1.31 16.37 -10.95
CA TRP B 29 -0.06 15.89 -11.54
C TRP B 29 -0.29 14.60 -12.30
N PHE B 30 -1.20 13.76 -11.80
CA PHE B 30 -1.51 12.49 -12.45
C PHE B 30 -2.19 12.69 -13.80
N GLU B 31 -3.20 13.55 -13.83
CA GLU B 31 -3.88 13.88 -15.08
C GLU B 31 -2.92 14.49 -16.09
C MK8 B 32 -0.16 15.04 -17.04
N MK8 B 32 -2.08 15.40 -15.60
O MK8 B 32 0.10 15.10 -18.26
CA MK8 B 32 -1.08 16.06 -16.40
CB MK8 B 32 -0.24 16.93 -15.49
CD MK8 B 32 2.15 17.46 -15.96
CE MK8 B 32 3.09 18.22 -16.88
CG MK8 B 32 0.71 17.76 -16.34
CB1 MK8 B 32 -1.74 16.92 -17.45
N LYS B 33 0.33 14.10 -16.23
CA LYS B 33 1.25 13.07 -16.69
C LYS B 33 0.63 12.16 -17.74
N ALA B 34 -0.66 11.87 -17.59
CA ALA B 34 -1.36 11.02 -18.54
C ALA B 34 -1.43 11.68 -19.91
N ASN B 35 -1.66 12.99 -19.92
CA ASN B 35 -1.74 13.72 -21.18
C ASN B 35 -0.37 13.89 -21.83
C MK8 B 36 2.49 13.28 -22.17
N MK8 B 36 0.60 14.35 -21.06
O MK8 B 36 3.06 13.36 -23.29
CA MK8 B 36 1.95 14.54 -21.51
CB MK8 B 36 2.84 14.79 -20.30
CD MK8 B 36 3.36 16.27 -18.42
CE MK8 B 36 3.60 17.70 -18.00
CG MK8 B 36 2.75 16.22 -19.80
CB1 MK8 B 36 2.04 15.70 -22.47
N GLU B 37 2.32 12.13 -21.51
CA GLU B 37 2.89 10.88 -22.00
C GLU B 37 1.96 10.15 -22.97
N ASN B 38 0.78 10.73 -23.21
CA ASN B 38 -0.21 10.17 -24.13
C ASN B 38 -0.64 8.77 -23.70
N NH2 B 39 -1.21 8.67 -22.50
PB ADP C . 9.97 -1.84 1.50
O1B ADP C . 9.40 -0.71 0.68
O2B ADP C . 11.44 -2.10 1.23
O3B ADP C . 9.11 -3.09 1.55
PA ADP C . 8.61 -0.75 3.72
O1A ADP C . 8.68 0.76 3.86
O2A ADP C . 7.38 -1.38 3.13
O3A ADP C . 9.95 -1.31 3.01
O5' ADP C . 8.80 -1.40 5.17
C5' ADP C . 9.35 -0.64 6.23
C4' ADP C . 8.86 -1.17 7.55
O4' ADP C . 9.14 -0.17 8.53
C3' ADP C . 7.35 -1.37 7.55
O3' ADP C . 7.02 -2.77 7.47
C2' ADP C . 6.90 -0.78 8.86
O2' ADP C . 6.86 -1.82 9.86
C1' ADP C . 7.96 0.22 9.23
N9 ADP C . 7.55 1.57 8.77
C8 ADP C . 7.67 2.02 7.49
N7 ADP C . 7.22 3.30 7.37
C5 ADP C . 6.81 3.69 8.59
C6 ADP C . 6.22 4.92 9.16
N6 ADP C . 5.99 6.00 8.38
N1 ADP C . 5.93 4.93 10.48
C2 ADP C . 6.16 3.85 11.26
N3 ADP C . 6.70 2.69 10.80
C4 ADP C . 7.03 2.55 9.51
O1 PG4 D . -4.69 -2.20 20.75
C1 PG4 D . -5.54 -2.52 21.85
C2 PG4 D . -4.76 -3.33 22.89
O2 PG4 D . -3.48 -2.78 23.05
C3 PG4 D . -2.86 -3.11 24.28
C4 PG4 D . -1.32 -3.18 24.11
O3 PG4 D . -0.79 -1.85 23.89
C5 PG4 D . -0.37 -1.60 22.51
C6 PG4 D . -0.55 -0.11 22.19
O4 PG4 D . 0.24 0.21 21.05
C7 PG4 D . -0.30 -0.24 19.82
C8 PG4 D . -1.59 0.49 19.52
O5 PG4 D . -2.25 -0.10 18.35
S SO4 E . -11.66 -17.10 -15.81
O1 SO4 E . -10.71 -16.23 -16.50
O2 SO4 E . -12.99 -16.90 -16.36
O3 SO4 E . -11.27 -18.49 -15.98
O4 SO4 E . -11.68 -16.76 -14.39
C1 PEG F . -14.55 3.22 -7.11
O1 PEG F . -15.72 2.44 -7.19
C2 PEG F . -13.33 2.35 -7.48
O2 PEG F . -13.68 1.51 -8.60
C3 PEG F . -13.38 0.15 -8.41
C4 PEG F . -12.20 -0.24 -9.25
O4 PEG F . -11.05 0.43 -8.76
C1 PEG G . 10.59 -2.81 -5.73
O1 PEG G . 10.18 -4.09 -5.31
C2 PEG G . 11.36 -2.09 -4.59
O2 PEG G . 11.27 -0.67 -4.76
C3 PEG G . 11.74 0.08 -3.67
C4 PEG G . 10.92 -0.24 -2.44
O4 PEG G . 11.66 -1.05 -1.56
O1 MES H . 0.58 8.12 -17.83
C2 MES H . 1.61 8.73 -17.08
C3 MES H . 2.51 7.71 -16.41
N4 MES H . 2.47 6.38 -16.93
C5 MES H . 2.04 6.22 -18.29
C6 MES H . 1.12 7.28 -18.84
C7 MES H . 3.79 5.84 -16.84
C8 MES H . 3.73 4.36 -16.56
S MES H . 5.36 3.67 -16.60
O1S MES H . 5.80 3.36 -18.01
O2S MES H . 6.34 4.59 -15.91
O3S MES H . 5.38 2.29 -15.98
C8 P4G I . 8.94 -17.22 -7.45
C7 P4G I . 9.06 -16.06 -6.46
O4 P4G I . 7.80 -15.80 -5.89
C6 P4G I . 7.85 -15.01 -4.71
C5 P4G I . 6.76 -13.97 -4.75
O3 P4G I . 7.11 -12.92 -5.59
C4 P4G I . 6.67 -11.66 -5.15
C3 P4G I . 7.18 -10.59 -6.06
O2 P4G I . 8.52 -10.92 -6.51
C2 P4G I . 9.06 -10.01 -7.51
C1 P4G I . 10.55 -10.37 -7.79
CL CL J . 0.71 -22.72 -10.85
MG MG K . 7.05 -3.23 2.44
MG MG L . 8.76 -1.42 -1.41
#